data_3AJY
#
_entry.id   3AJY
#
_cell.length_a   41.777
_cell.length_b   53.885
_cell.length_c   132.985
_cell.angle_alpha   90.00
_cell.angle_beta   90.00
_cell.angle_gamma   90.00
#
_symmetry.space_group_name_H-M   'P 21 21 21'
#
loop_
_entity.id
_entity.type
_entity.pdbx_description
1 polymer 'Ancestral congerin Con-anc'
2 branched beta-D-galactopyranose-(1-4)-beta-D-glucopyranose
3 water water
#
_entity_poly.entity_id   1
_entity_poly.type   'polypeptide(L)'
_entity_poly.pdbx_seq_one_letter_code
;MSGGLEVKNFDFKVGKFLTVGGVINNYAKRFSINVGESTNSLSLHLDHRFNYGADQNTIVLNSMVNSGWETEQRSKNFPF
SAGEYFEITITFDTNKFYIELLDGHKLEFPNRYKKEALNFLSLAGDARLTFVKLE
;
_entity_poly.pdbx_strand_id   A,C
#
# COMPACT_ATOMS: atom_id res chain seq x y z
N GLY A 3 6.88 11.80 -5.38
CA GLY A 3 5.51 11.18 -5.56
C GLY A 3 5.42 9.73 -5.10
N GLY A 4 4.33 9.05 -5.46
CA GLY A 4 4.08 7.72 -4.94
C GLY A 4 3.72 7.77 -3.47
N LEU A 5 2.63 7.12 -3.11
CA LEU A 5 2.06 7.17 -1.77
C LEU A 5 3.01 6.66 -0.69
N GLU A 6 3.25 7.50 0.29
CA GLU A 6 4.01 7.13 1.47
C GLU A 6 3.07 6.51 2.51
N VAL A 7 3.13 5.19 2.66
CA VAL A 7 2.34 4.57 3.72
C VAL A 7 3.16 4.29 4.97
N LYS A 8 2.92 5.14 5.96
CA LYS A 8 3.75 5.25 7.14
C LYS A 8 3.85 3.92 7.89
N ASN A 9 2.72 3.26 8.08
CA ASN A 9 2.64 2.06 8.89
C ASN A 9 3.33 0.87 8.30
N PHE A 10 3.59 0.92 6.99
CA PHE A 10 4.11 -0.26 6.32
C PHE A 10 5.59 -0.37 6.60
N ASP A 11 5.93 -1.17 7.61
CA ASP A 11 7.29 -1.44 7.97
C ASP A 11 7.65 -2.83 7.38
N PHE A 12 8.17 -2.83 6.15
CA PHE A 12 8.51 -4.09 5.47
C PHE A 12 9.86 -4.53 5.97
N LYS A 13 9.83 -5.27 7.07
CA LYS A 13 11.03 -5.69 7.76
C LYS A 13 11.07 -7.21 7.83
N VAL A 14 12.18 -7.79 8.28
CA VAL A 14 12.30 -9.26 8.40
C VAL A 14 11.09 -9.85 9.14
N GLY A 15 10.48 -10.88 8.56
CA GLY A 15 9.31 -11.53 9.15
C GLY A 15 7.97 -10.96 8.71
N LYS A 16 7.97 -9.82 8.02
CA LYS A 16 6.75 -9.28 7.46
C LYS A 16 6.53 -9.84 6.06
N PHE A 17 5.26 -9.96 5.65
CA PHE A 17 4.89 -10.52 4.36
C PHE A 17 4.24 -9.47 3.49
N LEU A 18 4.85 -9.19 2.35
CA LEU A 18 4.33 -8.21 1.42
C LEU A 18 3.63 -8.93 0.29
N THR A 19 2.32 -8.69 0.15
CA THR A 19 1.55 -9.22 -0.97
C THR A 19 1.17 -8.09 -1.91
N VAL A 20 1.52 -8.21 -3.19
CA VAL A 20 1.04 -7.29 -4.21
C VAL A 20 0.11 -8.02 -5.18
N GLY A 21 -0.93 -7.34 -5.60
CA GLY A 21 -1.88 -7.87 -6.58
C GLY A 21 -2.19 -6.83 -7.66
N GLY A 22 -2.63 -7.30 -8.82
CA GLY A 22 -2.93 -6.38 -9.91
C GLY A 22 -3.34 -7.17 -11.10
N VAL A 23 -3.36 -6.51 -12.26
CA VAL A 23 -3.80 -7.11 -13.52
C VAL A 23 -2.75 -6.84 -14.58
N ILE A 24 -2.34 -7.90 -15.26
CA ILE A 24 -1.37 -7.82 -16.36
C ILE A 24 -2.10 -7.25 -17.59
N ASN A 25 -1.46 -6.31 -18.29
CA ASN A 25 -2.04 -5.69 -19.49
C ASN A 25 -2.48 -6.72 -20.52
N ASN A 26 -3.47 -6.36 -21.35
CA ASN A 26 -3.94 -7.25 -22.44
C ASN A 26 -2.84 -7.77 -23.35
N TYR A 27 -1.82 -6.95 -23.55
CA TYR A 27 -0.62 -7.38 -24.23
C TYR A 27 0.50 -7.01 -23.29
N ALA A 28 1.50 -7.88 -23.21
CA ALA A 28 2.56 -7.73 -22.24
C ALA A 28 3.82 -8.39 -22.72
N LYS A 29 4.94 -7.68 -22.58
CA LYS A 29 6.24 -8.28 -22.78
C LYS A 29 6.79 -8.78 -21.44
N ARG A 30 6.64 -7.95 -20.41
CA ARG A 30 7.21 -8.20 -19.08
C ARG A 30 6.49 -7.32 -18.06
N PHE A 31 6.51 -7.73 -16.80
CA PHE A 31 6.22 -6.80 -15.72
C PHE A 31 7.08 -7.19 -14.52
N SER A 32 7.42 -6.20 -13.70
CA SER A 32 8.33 -6.42 -12.58
C SER A 32 7.78 -5.89 -11.27
N ILE A 33 8.18 -6.57 -10.19
CA ILE A 33 7.97 -6.10 -8.84
C ILE A 33 9.36 -5.76 -8.34
N ASN A 34 9.50 -4.58 -7.74
CA ASN A 34 10.78 -4.08 -7.29
C ASN A 34 10.73 -3.61 -5.84
N VAL A 35 11.64 -4.11 -5.02
CA VAL A 35 11.69 -3.67 -3.65
C VAL A 35 13.12 -3.33 -3.25
N GLY A 36 13.29 -2.21 -2.56
CA GLY A 36 14.59 -1.78 -2.12
C GLY A 36 14.55 -0.44 -1.42
N GLU A 37 15.42 0.46 -1.85
CA GLU A 37 15.55 1.79 -1.27
C GLU A 37 14.96 2.86 -2.15
N SER A 38 15.05 2.64 -3.47
CA SER A 38 14.60 3.60 -4.49
C SER A 38 14.60 2.96 -5.88
N THR A 39 14.08 3.70 -6.86
CA THR A 39 14.05 3.25 -8.27
C THR A 39 15.34 2.60 -8.75
N ASN A 40 16.46 3.17 -8.31
CA ASN A 40 17.80 2.73 -8.76
C ASN A 40 18.63 2.00 -7.70
N SER A 41 17.97 1.53 -6.64
CA SER A 41 18.68 0.83 -5.57
C SER A 41 17.75 -0.24 -4.99
N LEU A 42 17.87 -1.44 -5.54
CA LEU A 42 16.88 -2.48 -5.32
C LEU A 42 17.55 -3.70 -4.79
N SER A 43 16.94 -4.27 -3.75
CA SER A 43 17.34 -5.58 -3.24
C SER A 43 16.77 -6.71 -4.06
N LEU A 44 15.57 -6.50 -4.62
CA LEU A 44 14.89 -7.54 -5.41
C LEU A 44 14.15 -6.90 -6.56
N HIS A 45 14.51 -7.32 -7.77
CA HIS A 45 13.80 -6.95 -8.98
C HIS A 45 13.30 -8.29 -9.50
N LEU A 46 11.98 -8.44 -9.55
CA LEU A 46 11.37 -9.67 -9.99
C LEU A 46 10.67 -9.42 -11.34
N ASP A 47 11.34 -9.77 -12.43
CA ASP A 47 10.87 -9.44 -13.78
C ASP A 47 10.25 -10.67 -14.43
N HIS A 48 8.96 -10.61 -14.71
CA HIS A 48 8.23 -11.72 -15.33
C HIS A 48 8.12 -11.45 -16.81
N ARG A 49 8.95 -12.15 -17.55
CA ARG A 49 9.10 -11.88 -18.96
C ARG A 49 8.36 -12.92 -19.78
N PHE A 50 7.23 -12.50 -20.34
CA PHE A 50 6.52 -13.29 -21.31
C PHE A 50 7.38 -13.43 -22.56
N ASN A 51 7.94 -12.30 -23.00
CA ASN A 51 8.68 -12.25 -24.24
C ASN A 51 9.61 -11.05 -24.16
N TYR A 52 10.87 -11.28 -23.81
CA TYR A 52 11.88 -10.21 -23.72
C TYR A 52 13.21 -10.82 -24.12
N GLY A 53 13.69 -10.47 -25.31
CA GLY A 53 14.85 -11.10 -25.92
C GLY A 53 14.67 -12.61 -25.96
N ALA A 54 15.73 -13.32 -25.56
CA ALA A 54 15.72 -14.78 -25.55
C ALA A 54 14.86 -15.34 -24.42
N ASP A 55 14.43 -14.47 -23.50
CA ASP A 55 13.60 -14.86 -22.37
C ASP A 55 12.12 -14.99 -22.72
N GLN A 56 11.64 -16.23 -22.80
CA GLN A 56 10.21 -16.49 -23.01
C GLN A 56 9.68 -17.18 -21.77
N ASN A 57 8.56 -16.69 -21.24
CA ASN A 57 7.98 -17.19 -19.98
C ASN A 57 9.05 -17.53 -18.94
N THR A 58 9.89 -16.54 -18.67
CA THR A 58 11.01 -16.69 -17.75
C THR A 58 10.97 -15.56 -16.75
N ILE A 59 11.21 -15.89 -15.49
CA ILE A 59 11.35 -14.89 -14.46
C ILE A 59 12.81 -14.57 -14.35
N VAL A 60 13.13 -13.28 -14.29
CA VAL A 60 14.50 -12.87 -14.08
C VAL A 60 14.51 -12.17 -12.74
N LEU A 61 15.45 -12.57 -11.88
CA LEU A 61 15.65 -11.96 -10.59
C LEU A 61 17.00 -11.30 -10.55
N ASN A 62 17.09 -10.16 -9.88
CA ASN A 62 18.35 -9.45 -9.83
C ASN A 62 18.26 -8.39 -8.78
N SER A 63 19.40 -7.79 -8.45
CA SER A 63 19.44 -6.64 -7.57
C SER A 63 20.10 -5.52 -8.35
N MET A 64 19.98 -4.31 -7.84
CA MET A 64 20.52 -3.15 -8.51
C MET A 64 21.15 -2.20 -7.52
N VAL A 65 22.23 -1.56 -7.99
CA VAL A 65 22.93 -0.49 -7.30
C VAL A 65 22.92 0.74 -8.26
N ASN A 66 23.21 1.93 -7.75
CA ASN A 66 23.13 3.13 -8.59
C ASN A 66 23.88 2.88 -9.88
N SER A 67 25.00 2.19 -9.78
CA SER A 67 25.91 2.02 -10.91
C SER A 67 25.41 1.07 -11.99
N GLY A 68 24.46 0.20 -11.63
CA GLY A 68 23.95 -0.77 -12.57
C GLY A 68 23.47 -2.06 -11.94
N TRP A 69 22.89 -2.91 -12.79
CA TRP A 69 22.36 -4.22 -12.43
C TRP A 69 23.45 -5.19 -12.01
N GLU A 70 23.11 -6.13 -11.13
CA GLU A 70 24.08 -7.12 -10.68
C GLU A 70 23.89 -8.45 -11.43
N THR A 71 24.19 -9.59 -10.80
CA THR A 71 24.10 -10.87 -11.53
C THR A 71 22.69 -11.41 -11.52
N GLU A 72 22.13 -11.66 -12.70
CA GLU A 72 20.76 -12.19 -12.85
C GLU A 72 20.65 -13.66 -12.45
N GLN A 73 19.46 -14.02 -11.98
CA GLN A 73 19.07 -15.42 -11.76
C GLN A 73 17.77 -15.62 -12.53
N ARG A 74 17.53 -16.86 -12.96
CA ARG A 74 16.38 -17.14 -13.79
C ARG A 74 15.58 -18.31 -13.30
N SER A 75 14.28 -18.26 -13.59
CA SER A 75 13.40 -19.37 -13.30
C SER A 75 12.37 -19.57 -14.41
N LYS A 76 12.08 -20.82 -14.72
CA LYS A 76 11.08 -21.16 -15.73
C LYS A 76 9.68 -21.42 -15.15
N ASN A 77 9.55 -21.30 -13.84
CA ASN A 77 8.24 -21.28 -13.16
C ASN A 77 7.47 -20.05 -13.56
N PHE A 78 6.46 -20.19 -14.41
CA PHE A 78 5.79 -19.04 -14.95
C PHE A 78 4.27 -19.19 -15.01
N PRO A 79 3.56 -18.81 -13.93
CA PRO A 79 2.12 -19.02 -13.88
C PRO A 79 1.29 -17.88 -14.48
N PHE A 80 1.94 -16.88 -15.07
CA PHE A 80 1.25 -15.68 -15.49
C PHE A 80 0.82 -15.67 -16.95
N SER A 81 -0.26 -14.94 -17.25
CA SER A 81 -0.75 -14.75 -18.63
C SER A 81 -1.21 -13.32 -18.85
N ALA A 82 -0.99 -12.80 -20.06
CA ALA A 82 -1.48 -11.48 -20.44
C ALA A 82 -2.95 -11.33 -20.09
N GLY A 83 -3.33 -10.16 -19.60
CA GLY A 83 -4.71 -9.84 -19.28
C GLY A 83 -5.31 -10.43 -17.99
N GLU A 84 -4.53 -11.22 -17.25
CA GLU A 84 -5.02 -11.90 -16.05
C GLU A 84 -4.52 -11.29 -14.73
N TYR A 85 -5.27 -11.54 -13.65
CA TYR A 85 -4.86 -11.22 -12.28
C TYR A 85 -3.51 -11.83 -11.94
N PHE A 86 -2.67 -11.05 -11.26
CA PHE A 86 -1.45 -11.61 -10.70
C PHE A 86 -1.43 -11.38 -9.20
N GLU A 87 -0.74 -12.26 -8.49
CA GLU A 87 -0.55 -12.03 -7.06
C GLU A 87 0.77 -12.63 -6.63
N ILE A 88 1.52 -11.87 -5.84
CA ILE A 88 2.84 -12.28 -5.40
C ILE A 88 3.02 -11.93 -3.93
N THR A 89 3.58 -12.85 -3.16
CA THR A 89 3.93 -12.56 -1.75
C THR A 89 5.43 -12.74 -1.51
N ILE A 90 6.02 -11.77 -0.83
CA ILE A 90 7.46 -11.72 -0.59
C ILE A 90 7.74 -11.52 0.89
N THR A 91 8.69 -12.26 1.41
CA THR A 91 9.17 -12.04 2.75
C THR A 91 10.65 -12.32 2.70
N PHE A 92 11.37 -11.94 3.74
CA PHE A 92 12.81 -12.15 3.75
C PHE A 92 13.42 -12.22 5.13
N ASP A 93 14.57 -12.89 5.21
CA ASP A 93 15.46 -12.74 6.36
C ASP A 93 16.77 -12.06 5.92
N THR A 94 17.76 -12.01 6.81
CA THR A 94 19.04 -11.34 6.46
C THR A 94 19.82 -12.05 5.35
N ASN A 95 19.46 -13.30 5.06
CA ASN A 95 20.17 -14.07 4.04
C ASN A 95 19.44 -14.17 2.69
N LYS A 96 18.12 -14.33 2.76
CA LYS A 96 17.34 -14.65 1.56
C LYS A 96 16.01 -13.90 1.46
N PHE A 97 15.54 -13.69 0.23
CA PHE A 97 14.15 -13.33 -0.04
C PHE A 97 13.41 -14.61 -0.37
N TYR A 98 12.17 -14.71 0.08
CA TYR A 98 11.32 -15.86 -0.24
C TYR A 98 10.09 -15.39 -0.97
N ILE A 99 9.93 -15.83 -2.20
CA ILE A 99 8.87 -15.34 -3.08
C ILE A 99 7.86 -16.46 -3.41
N GLU A 100 6.57 -16.23 -3.14
CA GLU A 100 5.51 -17.17 -3.53
C GLU A 100 4.58 -16.61 -4.60
N LEU A 101 4.46 -17.33 -5.70
CA LEU A 101 3.54 -16.98 -6.79
C LEU A 101 2.15 -17.62 -6.56
N LEU A 102 1.16 -17.14 -7.30
CA LEU A 102 -0.22 -17.51 -7.00
C LEU A 102 -0.56 -18.99 -7.21
N ASP A 103 0.22 -19.69 -8.02
CA ASP A 103 0.00 -21.11 -8.25
C ASP A 103 0.77 -21.98 -7.24
N GLY A 104 1.27 -21.36 -6.18
CA GLY A 104 2.10 -22.07 -5.20
C GLY A 104 3.56 -22.25 -5.54
N HIS A 105 3.99 -21.78 -6.71
CA HIS A 105 5.41 -21.83 -7.06
C HIS A 105 6.20 -20.91 -6.13
N LYS A 106 7.41 -21.34 -5.78
CA LYS A 106 8.24 -20.60 -4.85
C LYS A 106 9.64 -20.38 -5.38
N LEU A 107 10.19 -19.20 -5.07
CA LEU A 107 11.52 -18.81 -5.48
C LEU A 107 12.29 -18.26 -4.29
N GLU A 108 13.61 -18.22 -4.43
CA GLU A 108 14.48 -17.62 -3.43
C GLU A 108 15.55 -16.80 -4.13
N PHE A 109 16.03 -15.78 -3.45
CA PHE A 109 17.02 -14.86 -4.00
C PHE A 109 17.83 -14.34 -2.84
N PRO A 110 19.15 -14.34 -2.97
CA PRO A 110 20.01 -13.76 -1.94
C PRO A 110 19.67 -12.32 -1.52
N ASN A 111 19.74 -12.08 -0.22
CA ASN A 111 19.71 -10.75 0.35
C ASN A 111 21.12 -10.11 0.29
N ARG A 112 21.51 -9.68 -0.91
CA ARG A 112 22.90 -9.25 -1.20
C ARG A 112 23.40 -8.06 -0.39
N TYR A 113 22.50 -7.15 -0.03
CA TYR A 113 22.93 -5.99 0.72
C TYR A 113 22.55 -6.10 2.20
N LYS A 114 22.17 -7.32 2.62
CA LYS A 114 21.95 -7.61 4.03
C LYS A 114 20.98 -6.62 4.65
N LYS A 115 19.92 -6.32 3.90
CA LYS A 115 18.89 -5.39 4.34
C LYS A 115 17.96 -6.07 5.36
N GLU A 116 17.54 -5.30 6.37
CA GLU A 116 16.65 -5.75 7.43
C GLU A 116 15.27 -5.14 7.26
N ALA A 117 15.20 -4.07 6.45
CA ALA A 117 13.97 -3.36 6.17
C ALA A 117 14.08 -2.71 4.79
N LEU A 118 12.98 -2.72 4.04
CA LEU A 118 12.91 -2.08 2.71
C LEU A 118 11.85 -0.99 2.67
N ASN A 119 12.19 0.16 2.07
CA ASN A 119 11.30 1.34 2.13
C ASN A 119 10.67 1.75 0.80
N PHE A 120 10.97 1.01 -0.25
CA PHE A 120 10.51 1.36 -1.59
C PHE A 120 9.97 0.14 -2.32
N LEU A 121 8.80 0.31 -2.93
CA LEU A 121 8.16 -0.69 -3.78
C LEU A 121 7.64 -0.04 -5.06
N SER A 122 7.84 -0.70 -6.19
CA SER A 122 7.16 -0.32 -7.42
C SER A 122 6.81 -1.56 -8.19
N LEU A 123 5.88 -1.39 -9.12
CA LEU A 123 5.66 -2.28 -10.24
C LEU A 123 6.06 -1.51 -11.51
N ALA A 124 6.71 -2.20 -12.44
CA ALA A 124 7.09 -1.59 -13.71
C ALA A 124 6.69 -2.50 -14.82
N GLY A 125 6.59 -1.95 -16.04
CA GLY A 125 6.20 -2.73 -17.20
C GLY A 125 4.71 -2.89 -17.44
N ASP A 126 4.35 -3.96 -18.13
CA ASP A 126 3.04 -4.13 -18.72
C ASP A 126 1.97 -4.72 -17.80
N ALA A 127 1.72 -4.06 -16.68
CA ALA A 127 0.69 -4.46 -15.70
C ALA A 127 0.31 -3.22 -14.95
N ARG A 128 -0.70 -3.35 -14.09
CA ARG A 128 -1.03 -2.30 -13.15
C ARG A 128 -1.12 -2.90 -11.74
N LEU A 129 -0.68 -2.12 -10.75
CA LEU A 129 -0.72 -2.52 -9.35
C LEU A 129 -2.06 -2.09 -8.78
N THR A 130 -2.80 -3.04 -8.22
CA THR A 130 -4.11 -2.77 -7.61
C THR A 130 -3.97 -2.60 -6.11
N PHE A 131 -3.24 -3.48 -5.44
CA PHE A 131 -3.17 -3.36 -4.00
C PHE A 131 -1.84 -3.82 -3.45
N VAL A 132 -1.56 -3.34 -2.24
CA VAL A 132 -0.37 -3.69 -1.51
C VAL A 132 -0.88 -4.14 -0.14
N LYS A 133 -0.47 -5.33 0.29
CA LYS A 133 -0.86 -5.79 1.60
C LYS A 133 0.42 -6.10 2.39
N LEU A 134 0.44 -5.71 3.65
CA LEU A 134 1.57 -6.04 4.49
C LEU A 134 1.07 -6.49 5.85
N GLU A 135 1.57 -7.64 6.31
CA GLU A 135 1.22 -8.15 7.64
C GLU A 135 2.20 -9.22 8.13
N GLY B 3 8.86 1.94 9.33
CA GLY B 3 9.76 2.82 8.53
C GLY B 3 9.05 3.44 7.33
N GLY B 4 7.91 2.85 6.97
CA GLY B 4 7.14 3.36 5.85
C GLY B 4 7.54 2.70 4.55
N LEU B 5 6.61 2.67 3.62
CA LEU B 5 6.85 2.11 2.31
C LEU B 5 6.31 3.14 1.33
N GLU B 6 7.18 3.62 0.45
CA GLU B 6 6.75 4.38 -0.69
C GLU B 6 6.26 3.38 -1.74
N VAL B 7 4.99 3.49 -2.13
CA VAL B 7 4.50 2.78 -3.27
C VAL B 7 4.54 3.71 -4.48
N LYS B 8 5.57 3.57 -5.30
CA LYS B 8 5.76 4.43 -6.47
C LYS B 8 4.52 4.58 -7.36
N ASN B 9 3.85 3.47 -7.67
CA ASN B 9 2.71 3.50 -8.59
C ASN B 9 1.47 4.24 -8.13
N PHE B 10 1.33 4.45 -6.82
CA PHE B 10 0.10 4.99 -6.25
C PHE B 10 0.14 6.51 -6.23
N ASP B 11 -0.66 7.11 -7.09
CA ASP B 11 -0.77 8.55 -7.16
C ASP B 11 -2.21 8.85 -6.73
N PHE B 12 -2.38 9.20 -5.46
CA PHE B 12 -3.71 9.46 -4.93
C PHE B 12 -4.13 10.89 -5.25
N LYS B 13 -4.70 11.05 -6.45
CA LYS B 13 -5.17 12.33 -6.94
C LYS B 13 -6.68 12.28 -7.20
N VAL B 14 -7.29 13.45 -7.46
CA VAL B 14 -8.71 13.58 -7.78
C VAL B 14 -9.13 12.51 -8.77
N GLY B 15 -10.23 11.81 -8.48
CA GLY B 15 -10.73 10.77 -9.38
C GLY B 15 -10.32 9.34 -9.01
N LYS B 16 -9.32 9.22 -8.16
CA LYS B 16 -8.84 7.91 -7.70
C LYS B 16 -9.54 7.48 -6.40
N PHE B 17 -9.61 6.17 -6.19
CA PHE B 17 -10.31 5.58 -5.06
C PHE B 17 -9.32 4.84 -4.16
N LEU B 18 -9.08 5.41 -2.99
CA LEU B 18 -8.16 4.81 -2.02
C LEU B 18 -8.93 3.93 -1.04
N THR B 19 -8.66 2.64 -1.05
CA THR B 19 -9.26 1.75 -0.07
C THR B 19 -8.19 1.34 0.92
N VAL B 20 -8.45 1.63 2.17
CA VAL B 20 -7.54 1.31 3.24
C VAL B 20 -8.22 0.25 4.11
N GLY B 21 -7.47 -0.78 4.46
CA GLY B 21 -8.02 -1.88 5.24
C GLY B 21 -7.08 -2.24 6.35
N GLY B 22 -7.61 -2.90 7.40
CA GLY B 22 -6.76 -3.39 8.49
C GLY B 22 -7.59 -4.11 9.53
N VAL B 23 -7.02 -4.30 10.71
CA VAL B 23 -7.69 -5.02 11.79
C VAL B 23 -7.71 -4.12 13.02
N ILE B 24 -8.87 -4.07 13.68
CA ILE B 24 -9.05 -3.29 14.92
C ILE B 24 -8.65 -4.18 16.10
N ASN B 25 -7.87 -3.63 17.03
CA ASN B 25 -7.37 -4.38 18.18
C ASN B 25 -8.52 -4.73 19.11
N ASN B 26 -8.47 -5.89 19.78
CA ASN B 26 -9.44 -6.18 20.85
C ASN B 26 -9.34 -5.10 21.93
N TYR B 27 -10.44 -4.81 22.62
CA TYR B 27 -10.46 -3.76 23.65
C TYR B 27 -10.05 -2.36 23.09
N ALA B 28 -10.36 -2.12 21.83
CA ALA B 28 -10.03 -0.83 21.19
C ALA B 28 -10.75 0.32 21.85
N LYS B 29 -10.06 1.45 21.92
CA LYS B 29 -10.66 2.68 22.42
C LYS B 29 -10.86 3.66 21.26
N ARG B 30 -9.86 3.79 20.38
CA ARG B 30 -9.98 4.59 19.17
C ARG B 30 -8.92 4.18 18.14
N PHE B 31 -9.20 4.40 16.87
CA PHE B 31 -8.17 4.29 15.84
C PHE B 31 -8.49 5.30 14.74
N SER B 32 -7.45 5.82 14.10
CA SER B 32 -7.62 6.88 13.13
C SER B 32 -6.96 6.56 11.80
N ILE B 33 -7.53 7.08 10.72
CA ILE B 33 -6.94 7.00 9.39
C ILE B 33 -6.62 8.44 8.97
N ASN B 34 -5.41 8.66 8.47
CA ASN B 34 -4.94 9.99 8.11
C ASN B 34 -4.45 10.10 6.66
N VAL B 35 -4.89 11.14 5.98
CA VAL B 35 -4.50 11.34 4.60
C VAL B 35 -4.10 12.82 4.43
N GLY B 36 -2.90 13.06 3.90
CA GLY B 36 -2.37 14.42 3.73
C GLY B 36 -1.06 14.46 2.97
N GLU B 37 -0.16 15.35 3.39
CA GLU B 37 1.17 15.48 2.79
C GLU B 37 2.28 14.95 3.71
N SER B 38 1.99 14.93 5.01
CA SER B 38 2.96 14.51 6.01
C SER B 38 2.23 14.36 7.31
N THR B 39 2.92 13.78 8.30
CA THR B 39 2.29 13.38 9.57
C THR B 39 1.54 14.52 10.28
N ASN B 40 2.04 15.74 10.15
CA ASN B 40 1.44 16.91 10.79
C ASN B 40 0.76 17.90 9.81
N SER B 41 0.56 17.47 8.56
CA SER B 41 -0.20 18.26 7.59
C SER B 41 -1.22 17.36 6.87
N LEU B 42 -2.47 17.41 7.31
CA LEU B 42 -3.48 16.43 6.87
C LEU B 42 -4.74 17.07 6.31
N SER B 43 -5.17 16.61 5.17
CA SER B 43 -6.46 17.01 4.64
C SER B 43 -7.63 16.27 5.29
N LEU B 44 -7.40 15.03 5.74
CA LEU B 44 -8.46 14.24 6.37
C LEU B 44 -7.93 13.36 7.49
N HIS B 45 -8.52 13.53 8.66
CA HIS B 45 -8.29 12.70 9.81
C HIS B 45 -9.63 12.11 10.20
N LEU B 46 -9.72 10.79 10.20
CA LEU B 46 -10.91 10.08 10.62
C LEU B 46 -10.54 9.34 11.87
N ASP B 47 -11.07 9.80 13.00
CA ASP B 47 -10.86 9.11 14.27
C ASP B 47 -12.12 8.35 14.63
N HIS B 48 -12.00 7.03 14.62
CA HIS B 48 -13.11 6.17 14.95
C HIS B 48 -13.05 5.88 16.45
N ARG B 49 -13.85 6.61 17.21
CA ARG B 49 -13.79 6.56 18.67
C ARG B 49 -14.84 5.62 19.23
N PHE B 50 -14.42 4.42 19.65
CA PHE B 50 -15.30 3.51 20.42
C PHE B 50 -15.63 4.14 21.76
N ASN B 51 -14.61 4.65 22.44
CA ASN B 51 -14.75 5.26 23.74
C ASN B 51 -13.55 6.18 23.99
N TYR B 52 -13.71 7.45 23.63
CA TYR B 52 -12.65 8.44 23.85
C TYR B 52 -13.25 9.74 24.38
N GLY B 53 -13.00 10.02 25.66
CA GLY B 53 -13.69 11.09 26.37
C GLY B 53 -15.20 10.94 26.29
N ALA B 54 -15.89 12.01 25.89
CA ALA B 54 -17.34 11.99 25.80
C ALA B 54 -17.86 11.36 24.50
N ASP B 55 -16.93 11.02 23.59
CA ASP B 55 -17.28 10.36 22.32
C ASP B 55 -17.37 8.84 22.47
N GLN B 56 -18.55 8.30 22.17
CA GLN B 56 -18.78 6.87 22.21
C GLN B 56 -19.35 6.45 20.86
N ASN B 57 -18.73 5.44 20.24
CA ASN B 57 -19.10 4.99 18.88
C ASN B 57 -19.37 6.13 17.89
N THR B 58 -18.40 7.05 17.81
CA THR B 58 -18.52 8.22 16.96
C THR B 58 -17.28 8.38 16.08
N ILE B 59 -17.49 8.74 14.82
CA ILE B 59 -16.36 9.14 13.98
C ILE B 59 -16.16 10.65 14.11
N VAL B 60 -14.91 11.05 14.37
CA VAL B 60 -14.55 12.46 14.39
C VAL B 60 -13.67 12.75 13.17
N LEU B 61 -14.11 13.71 12.37
CA LEU B 61 -13.43 14.12 11.14
C LEU B 61 -12.81 15.51 11.32
N ASN B 62 -11.55 15.65 10.92
CA ASN B 62 -10.87 16.94 11.02
C ASN B 62 -9.76 17.05 9.98
N SER B 63 -9.09 18.19 9.96
CA SER B 63 -7.90 18.41 9.15
C SER B 63 -6.88 19.09 10.05
N MET B 64 -5.64 19.11 9.59
CA MET B 64 -4.53 19.72 10.32
C MET B 64 -3.71 20.61 9.37
N VAL B 65 -3.60 21.88 9.71
CA VAL B 65 -2.77 22.83 8.96
C VAL B 65 -1.74 23.39 9.92
N ASN B 66 -0.52 23.61 9.41
CA ASN B 66 0.63 23.79 10.26
C ASN B 66 0.49 22.64 11.26
N SER B 67 0.71 22.82 12.55
CA SER B 67 0.61 21.64 13.41
C SER B 67 -0.69 21.60 14.20
N GLY B 68 -1.69 22.32 13.71
CA GLY B 68 -2.90 22.55 14.48
C GLY B 68 -4.15 21.98 13.87
N TRP B 69 -4.92 21.28 14.71
CA TRP B 69 -6.25 20.78 14.37
C TRP B 69 -7.22 21.91 14.07
N GLU B 70 -8.10 21.68 13.12
CA GLU B 70 -9.11 22.66 12.79
C GLU B 70 -10.43 22.28 13.45
N THR B 71 -11.56 22.65 12.82
CA THR B 71 -12.85 22.39 13.45
C THR B 71 -13.43 21.04 13.06
N GLU B 72 -13.76 20.28 14.10
CA GLU B 72 -14.22 18.90 14.00
C GLU B 72 -15.64 18.80 13.48
N GLN B 73 -15.87 17.79 12.64
CA GLN B 73 -17.20 17.32 12.30
C GLN B 73 -17.35 15.91 12.87
N ARG B 74 -18.59 15.46 13.03
CA ARG B 74 -18.85 14.19 13.71
C ARG B 74 -19.90 13.36 12.98
N SER B 75 -19.75 12.04 13.07
CA SER B 75 -20.70 11.10 12.51
C SER B 75 -21.01 9.94 13.46
N LYS B 76 -22.28 9.56 13.54
CA LYS B 76 -22.69 8.48 14.45
C LYS B 76 -22.86 7.13 13.75
N ASN B 77 -22.67 7.08 12.42
CA ASN B 77 -22.62 5.80 11.70
C ASN B 77 -21.36 5.03 12.07
N PHE B 78 -21.48 3.96 12.86
CA PHE B 78 -20.31 3.31 13.42
C PHE B 78 -20.29 1.79 13.23
N PRO B 79 -20.13 1.31 11.98
CA PRO B 79 -20.12 -0.12 11.72
C PRO B 79 -18.78 -0.81 12.05
N PHE B 80 -18.27 -0.61 13.25
CA PHE B 80 -16.95 -1.13 13.64
C PHE B 80 -17.01 -1.99 14.89
N SER B 81 -16.21 -3.05 14.92
CA SER B 81 -16.10 -3.87 16.12
C SER B 81 -14.65 -4.14 16.48
N ALA B 82 -14.33 -4.03 17.78
CA ALA B 82 -13.02 -4.47 18.25
C ALA B 82 -12.72 -5.88 17.73
N GLY B 83 -11.48 -6.13 17.35
CA GLY B 83 -11.05 -7.44 16.86
C GLY B 83 -11.33 -7.78 15.39
N GLU B 84 -12.12 -6.94 14.71
CA GLU B 84 -12.61 -7.23 13.38
C GLU B 84 -11.83 -6.49 12.28
N TYR B 85 -11.92 -7.00 11.06
CA TYR B 85 -11.37 -6.35 9.89
C TYR B 85 -12.20 -5.10 9.62
N PHE B 86 -11.54 -4.04 9.14
CA PHE B 86 -12.25 -2.84 8.71
C PHE B 86 -11.75 -2.50 7.32
N GLU B 87 -12.58 -1.77 6.58
CA GLU B 87 -12.21 -1.29 5.27
C GLU B 87 -13.01 -0.05 4.99
N ILE B 88 -12.34 0.94 4.41
CA ILE B 88 -12.89 2.25 4.15
C ILE B 88 -12.32 2.68 2.80
N THR B 89 -13.16 3.31 1.98
CA THR B 89 -12.73 3.80 0.66
C THR B 89 -12.89 5.33 0.61
N ILE B 90 -11.81 6.01 0.21
CA ILE B 90 -11.83 7.50 0.16
C ILE B 90 -11.64 8.01 -1.28
N THR B 91 -12.53 8.88 -1.74
CA THR B 91 -12.27 9.70 -2.94
C THR B 91 -12.45 11.15 -2.60
N PHE B 92 -12.01 12.00 -3.53
CA PHE B 92 -12.16 13.43 -3.38
C PHE B 92 -12.11 14.15 -4.72
N ASP B 93 -12.69 15.34 -4.72
CA ASP B 93 -12.49 16.33 -5.76
C ASP B 93 -12.00 17.58 -5.03
N THR B 94 -11.90 18.71 -5.72
CA THR B 94 -11.33 19.91 -5.11
C THR B 94 -12.17 20.50 -3.96
N ASN B 95 -13.45 20.17 -3.92
CA ASN B 95 -14.37 20.70 -2.90
C ASN B 95 -14.69 19.77 -1.73
N LYS B 96 -14.78 18.45 -1.98
CA LYS B 96 -15.17 17.50 -0.92
C LYS B 96 -14.33 16.22 -0.94
N PHE B 97 -14.19 15.60 0.23
CA PHE B 97 -13.77 14.21 0.38
C PHE B 97 -15.00 13.35 0.55
N TYR B 98 -14.98 12.16 -0.04
CA TYR B 98 -16.09 11.24 0.06
C TYR B 98 -15.54 9.97 0.67
N ILE B 99 -16.14 9.55 1.77
CA ILE B 99 -15.71 8.36 2.49
C ILE B 99 -16.87 7.36 2.51
N GLU B 100 -16.61 6.15 2.05
CA GLU B 100 -17.62 5.09 2.06
C GLU B 100 -17.16 3.97 2.99
N LEU B 101 -18.07 3.58 3.87
CA LEU B 101 -17.81 2.49 4.82
C LEU B 101 -18.29 1.16 4.24
N LEU B 102 -17.86 0.05 4.85
CA LEU B 102 -18.24 -1.30 4.38
C LEU B 102 -19.75 -1.52 4.29
N ASP B 103 -20.47 -0.76 5.10
CA ASP B 103 -21.93 -0.57 5.07
C ASP B 103 -22.56 -0.14 3.77
N GLY B 104 -21.83 0.65 3.00
CA GLY B 104 -22.46 1.49 2.01
C GLY B 104 -22.72 2.90 2.55
N HIS B 105 -22.75 3.07 3.88
CA HIS B 105 -22.91 4.41 4.49
C HIS B 105 -21.80 5.31 4.01
N LYS B 106 -22.13 6.56 3.73
CA LYS B 106 -21.14 7.52 3.23
C LYS B 106 -21.06 8.76 4.09
N LEU B 107 -19.85 9.32 4.16
CA LEU B 107 -19.59 10.60 4.80
C LEU B 107 -19.02 11.55 3.77
N GLU B 108 -19.20 12.85 4.02
CA GLU B 108 -18.54 13.90 3.24
C GLU B 108 -17.87 14.89 4.16
N PHE B 109 -16.70 15.35 3.75
CA PHE B 109 -15.95 16.31 4.53
C PHE B 109 -15.40 17.32 3.53
N PRO B 110 -15.31 18.61 3.93
CA PRO B 110 -14.73 19.58 2.99
C PRO B 110 -13.23 19.34 2.66
N ASN B 111 -12.87 19.50 1.40
CA ASN B 111 -11.47 19.56 0.99
C ASN B 111 -11.01 20.99 1.29
N ARG B 112 -10.70 21.22 2.56
CA ARG B 112 -10.38 22.55 3.09
C ARG B 112 -9.33 23.33 2.28
N TYR B 113 -8.25 22.67 1.87
CA TYR B 113 -7.15 23.33 1.17
C TYR B 113 -7.13 23.01 -0.31
N LYS B 114 -8.30 22.62 -0.81
CA LYS B 114 -8.56 22.36 -2.24
C LYS B 114 -7.43 21.63 -2.97
N LYS B 115 -6.88 20.62 -2.29
CA LYS B 115 -5.79 19.85 -2.84
C LYS B 115 -6.19 18.87 -3.93
N GLU B 116 -5.29 18.66 -4.88
CA GLU B 116 -5.58 17.85 -6.07
C GLU B 116 -4.92 16.49 -6.02
N ALA B 117 -4.04 16.29 -5.05
CA ALA B 117 -3.38 15.02 -4.83
C ALA B 117 -2.83 14.98 -3.42
N LEU B 118 -2.75 13.77 -2.86
CA LEU B 118 -2.20 13.54 -1.54
C LEU B 118 -1.18 12.43 -1.59
N ASN B 119 -0.13 12.54 -0.77
CA ASN B 119 1.04 11.69 -0.91
C ASN B 119 1.40 10.93 0.38
N PHE B 120 0.61 11.10 1.43
CA PHE B 120 0.91 10.51 2.75
C PHE B 120 -0.33 9.86 3.33
N LEU B 121 -0.20 8.62 3.78
CA LEU B 121 -1.28 7.91 4.44
C LEU B 121 -0.76 7.28 5.72
N SER B 122 -1.54 7.36 6.80
CA SER B 122 -1.15 6.71 8.03
C SER B 122 -2.36 6.24 8.85
N LEU B 123 -2.09 5.35 9.81
CA LEU B 123 -3.08 4.93 10.80
C LEU B 123 -2.46 4.97 12.19
N ALA B 124 -3.25 5.37 13.20
CA ALA B 124 -2.79 5.44 14.59
C ALA B 124 -3.84 4.83 15.52
N GLY B 125 -3.42 4.48 16.73
CA GLY B 125 -4.36 3.98 17.73
C GLY B 125 -4.51 2.45 17.75
N ASP B 126 -5.71 2.01 18.10
CA ASP B 126 -5.94 0.60 18.43
C ASP B 126 -6.30 -0.20 17.21
N ALA B 127 -5.43 -0.17 16.21
CA ALA B 127 -5.62 -0.91 14.97
C ALA B 127 -4.27 -1.10 14.29
N ARG B 128 -4.26 -1.98 13.29
CA ARG B 128 -3.11 -2.08 12.40
C ARG B 128 -3.55 -1.93 10.95
N LEU B 129 -2.75 -1.19 10.17
CA LEU B 129 -3.04 -0.99 8.76
C LEU B 129 -2.42 -2.16 8.01
N THR B 130 -3.22 -2.91 7.25
CA THR B 130 -2.68 -4.06 6.52
C THR B 130 -2.90 -4.03 5.02
N PHE B 131 -3.76 -3.12 4.54
CA PHE B 131 -4.22 -3.22 3.16
C PHE B 131 -4.39 -1.84 2.56
N VAL B 132 -3.74 -1.58 1.43
CA VAL B 132 -3.88 -0.31 0.73
C VAL B 132 -4.13 -0.62 -0.74
N LYS B 133 -5.26 -0.17 -1.26
CA LYS B 133 -5.63 -0.41 -2.64
C LYS B 133 -5.92 0.95 -3.28
N LEU B 134 -5.60 1.08 -4.57
CA LEU B 134 -5.85 2.33 -5.27
C LEU B 134 -6.17 2.09 -6.73
N GLU B 135 -7.33 2.60 -7.15
CA GLU B 135 -7.87 2.44 -8.51
C GLU B 135 -8.50 3.75 -9.00
#